data_5TN5
#
_entry.id   5TN5
#
_cell.length_a   56.548
_cell.length_b   82.367
_cell.length_c   58.619
_cell.angle_alpha   90.000
_cell.angle_beta   111.150
_cell.angle_gamma   90.000
#
_symmetry.space_group_name_H-M   'P 1 21 1'
#
loop_
_entity.id
_entity.type
_entity.pdbx_description
1 polymer 'Estrogen receptor'
2 polymer 'Nuclear receptor coactivator 2'
3 non-polymer (1S,3aS,5S,7aS)-5-(4-hydroxyphenyl)-7a-methyloctahydro-1H-inden-1-ol
4 water water
#
loop_
_entity_poly.entity_id
_entity_poly.type
_entity_poly.pdbx_seq_one_letter_code
_entity_poly.pdbx_strand_id
1 'polypeptide(L)'
;IKRSKKNSLALSLTADQMVSALLDAEPPILYSEYDPTRPFSEASMMGLLTNLADRELVHMINWAKRVPGFVDLTLHDQVH
LLECAWLEILMIGLVWRSMEHPGKLLFAPNLLLDRNQGKCVEGMVEIFDMLLATSSRFRMMNLQGEEFVCLKSIILLNSG
VYTFLSSTLKSLEEKDHIHRVLDKITDTLIHLMAKAGLTLQQQHQRLAQLLLILSHIRHMSNKGMEHLYSMKCKNVVPLS
DLLLEMLDAHRLHAPTS
;
A,B
2 'polypeptide(L)' KHKILHRLLQDSS C,D
#
loop_
_chem_comp.id
_chem_comp.type
_chem_comp.name
_chem_comp.formula
7G0 non-polymer (1S,3aS,5S,7aS)-5-(4-hydroxyphenyl)-7a-methyloctahydro-1H-inden-1-ol 'C16 H22 O2'
#
# COMPACT_ATOMS: atom_id res chain seq x y z
N ASN A 7 18.34 21.67 9.77
CA ASN A 7 19.70 21.16 9.92
C ASN A 7 20.07 20.22 8.79
N SER A 8 19.14 20.00 7.85
CA SER A 8 19.34 19.10 6.73
C SER A 8 19.51 19.88 5.44
N LEU A 9 20.53 19.51 4.66
CA LEU A 9 20.76 20.17 3.38
C LEU A 9 19.67 19.89 2.36
N ALA A 10 18.89 18.83 2.55
CA ALA A 10 17.90 18.44 1.55
C ALA A 10 16.78 19.46 1.39
N LEU A 11 16.49 20.22 2.44
CA LEU A 11 15.36 21.15 2.39
C LEU A 11 15.67 22.42 1.60
N SER A 12 16.94 22.76 1.45
CA SER A 12 17.31 23.94 0.68
C SER A 12 17.39 23.66 -0.82
N LEU A 13 17.31 22.40 -1.24
CA LEU A 13 17.37 22.07 -2.66
C LEU A 13 16.16 22.62 -3.38
N THR A 14 16.39 23.12 -4.59
CA THR A 14 15.28 23.46 -5.47
C THR A 14 14.73 22.18 -6.09
N ALA A 15 13.60 22.33 -6.80
CA ALA A 15 13.00 21.18 -7.47
C ALA A 15 13.92 20.60 -8.53
N ASP A 16 14.58 21.46 -9.32
CA ASP A 16 15.50 20.96 -10.33
C ASP A 16 16.71 20.30 -9.68
N GLN A 17 17.17 20.85 -8.55
CA GLN A 17 18.29 20.23 -7.84
C GLN A 17 17.90 18.87 -7.28
N MET A 18 16.67 18.76 -6.78
CA MET A 18 16.18 17.47 -6.29
C MET A 18 16.14 16.44 -7.41
N VAL A 19 15.62 16.84 -8.57
CA VAL A 19 15.57 15.94 -9.72
C VAL A 19 16.99 15.50 -10.10
N SER A 20 17.90 16.46 -10.23
CA SER A 20 19.27 16.12 -10.62
C SER A 20 19.91 15.20 -9.60
N ALA A 21 19.66 15.43 -8.31
CA ALA A 21 20.24 14.58 -7.29
C ALA A 21 19.71 13.15 -7.40
N LEU A 22 18.41 12.99 -7.63
CA LEU A 22 17.86 11.64 -7.71
C LEU A 22 18.31 10.94 -8.97
N LEU A 23 18.31 11.64 -10.11
CA LEU A 23 18.81 11.05 -11.36
C LEU A 23 20.25 10.57 -11.23
N ASP A 24 21.11 11.40 -10.62
CA ASP A 24 22.50 11.01 -10.43
C ASP A 24 22.66 9.86 -9.45
N ALA A 25 21.67 9.65 -8.57
CA ALA A 25 21.71 8.57 -7.59
C ALA A 25 21.32 7.21 -8.16
N GLU A 26 20.82 7.16 -9.39
CA GLU A 26 20.21 5.95 -9.92
C GLU A 26 21.21 4.79 -9.89
N PRO A 27 20.78 3.58 -9.53
CA PRO A 27 21.70 2.43 -9.52
C PRO A 27 21.88 1.84 -10.91
N PRO A 28 22.90 1.03 -11.12
CA PRO A 28 23.12 0.45 -12.44
C PRO A 28 22.16 -0.70 -12.72
N ILE A 29 22.00 -1.01 -14.00
CA ILE A 29 21.19 -2.13 -14.44
C ILE A 29 22.09 -3.36 -14.52
N LEU A 30 21.89 -4.31 -13.60
CA LEU A 30 22.75 -5.48 -13.54
C LEU A 30 22.28 -6.54 -14.51
N TYR A 31 23.20 -7.44 -14.85
CA TYR A 31 22.90 -8.53 -15.75
C TYR A 31 22.74 -9.84 -14.97
N SER A 32 21.99 -10.76 -15.57
CA SER A 32 21.88 -12.11 -15.06
C SER A 32 22.96 -13.00 -15.68
N GLU A 33 23.02 -14.25 -15.22
CA GLU A 33 23.98 -15.17 -15.81
C GLU A 33 23.61 -15.48 -17.25
N TYR A 34 24.63 -15.75 -18.06
CA TYR A 34 24.50 -15.81 -19.52
C TYR A 34 24.20 -17.20 -20.06
N ASP A 35 23.92 -18.16 -19.20
CA ASP A 35 23.72 -19.55 -19.64
C ASP A 35 22.43 -19.66 -20.44
N PRO A 36 22.47 -20.06 -21.71
CA PRO A 36 21.25 -20.12 -22.53
C PRO A 36 20.39 -21.35 -22.32
N THR A 37 20.62 -22.15 -21.29
CA THR A 37 19.91 -23.42 -21.10
C THR A 37 18.44 -23.17 -20.76
N ARG A 38 17.54 -23.58 -21.64
CA ARG A 38 16.11 -23.43 -21.42
C ARG A 38 15.40 -24.78 -21.58
N PRO A 39 14.22 -24.95 -20.98
CA PRO A 39 13.54 -23.98 -20.09
C PRO A 39 14.09 -24.01 -18.67
N PHE A 40 13.72 -23.00 -17.89
CA PHE A 40 14.12 -22.94 -16.49
C PHE A 40 13.33 -23.95 -15.67
N SER A 41 13.98 -24.52 -14.67
CA SER A 41 13.30 -25.24 -13.61
C SER A 41 12.86 -24.24 -12.55
N GLU A 42 12.13 -24.72 -11.55
CA GLU A 42 11.76 -23.83 -10.45
C GLU A 42 12.98 -23.42 -9.64
N ALA A 43 13.90 -24.36 -9.40
CA ALA A 43 15.12 -24.01 -8.67
C ALA A 43 16.01 -23.08 -9.50
N SER A 44 16.08 -23.30 -10.80
CA SER A 44 16.92 -22.44 -11.64
C SER A 44 16.40 -21.01 -11.67
N MET A 45 15.11 -20.83 -11.90
CA MET A 45 14.58 -19.48 -12.00
C MET A 45 14.66 -18.74 -10.66
N MET A 46 14.27 -19.40 -9.56
CA MET A 46 14.37 -18.75 -8.26
C MET A 46 15.81 -18.42 -7.91
N GLY A 47 16.76 -19.23 -8.39
CA GLY A 47 18.17 -18.91 -8.19
C GLY A 47 18.58 -17.64 -8.91
N LEU A 48 18.24 -17.55 -10.20
CA LEU A 48 18.50 -16.34 -10.96
C LEU A 48 17.88 -15.11 -10.30
N LEU A 49 16.61 -15.22 -9.90
CA LEU A 49 15.91 -14.05 -9.38
C LEU A 49 16.47 -13.60 -8.03
N THR A 50 16.90 -14.54 -7.19
CA THR A 50 17.43 -14.16 -5.89
C THR A 50 18.88 -13.69 -5.98
N ASN A 51 19.67 -14.33 -6.84
CA ASN A 51 21.03 -13.86 -7.10
C ASN A 51 21.03 -12.42 -7.61
N LEU A 52 20.13 -12.11 -8.55
CA LEU A 52 20.04 -10.74 -9.07
C LEU A 52 19.61 -9.77 -7.98
N ALA A 53 18.54 -10.10 -7.25
CA ALA A 53 18.08 -9.26 -6.15
C ALA A 53 19.17 -9.02 -5.11
N ASP A 54 19.95 -10.07 -4.79
CA ASP A 54 21.00 -9.92 -3.80
C ASP A 54 22.05 -8.90 -4.26
N ARG A 55 22.48 -8.99 -5.53
CA ARG A 55 23.46 -8.04 -6.05
C ARG A 55 22.85 -6.64 -6.17
N GLU A 56 21.58 -6.54 -6.54
CA GLU A 56 20.93 -5.23 -6.61
C GLU A 56 20.83 -4.57 -5.24
N LEU A 57 20.77 -5.36 -4.17
CA LEU A 57 20.63 -4.80 -2.83
C LEU A 57 21.86 -3.97 -2.45
N VAL A 58 23.04 -4.43 -2.84
CA VAL A 58 24.25 -3.66 -2.56
C VAL A 58 24.18 -2.27 -3.19
N HIS A 59 23.75 -2.21 -4.46
CA HIS A 59 23.64 -0.92 -5.14
C HIS A 59 22.50 -0.09 -4.59
N MET A 60 21.47 -0.73 -4.04
CA MET A 60 20.36 0.04 -3.45
C MET A 60 20.84 0.84 -2.24
N ILE A 61 21.66 0.22 -1.39
CA ILE A 61 22.21 0.93 -0.23
C ILE A 61 22.95 2.19 -0.67
N ASN A 62 23.76 2.08 -1.72
CA ASN A 62 24.45 3.26 -2.24
C ASN A 62 23.47 4.30 -2.76
N TRP A 63 22.42 3.85 -3.46
CA TRP A 63 21.40 4.79 -3.95
C TRP A 63 20.70 5.49 -2.78
N ALA A 64 20.32 4.72 -1.75
CA ALA A 64 19.58 5.28 -0.64
C ALA A 64 20.37 6.38 0.06
N LYS A 65 21.67 6.15 0.28
CA LYS A 65 22.54 7.15 0.87
C LYS A 65 22.67 8.41 0.02
N ARG A 66 22.29 8.36 -1.25
CA ARG A 66 22.31 9.55 -2.11
C ARG A 66 20.95 10.21 -2.24
N VAL A 67 19.91 9.62 -1.66
CA VAL A 67 18.57 10.21 -1.63
C VAL A 67 18.59 11.37 -0.65
N PRO A 68 18.30 12.62 -1.10
CA PRO A 68 18.34 13.77 -0.19
C PRO A 68 17.58 13.52 1.11
N GLY A 69 18.24 13.79 2.24
CA GLY A 69 17.65 13.60 3.55
C GLY A 69 17.94 12.25 4.19
N PHE A 70 18.29 11.24 3.40
CA PHE A 70 18.53 9.92 3.98
C PHE A 70 19.79 9.90 4.82
N VAL A 71 20.81 10.68 4.43
CA VAL A 71 22.06 10.68 5.19
C VAL A 71 21.87 11.30 6.57
N ASP A 72 20.90 12.21 6.72
CA ASP A 72 20.68 12.87 8.00
C ASP A 72 20.02 11.96 9.03
N LEU A 73 19.57 10.77 8.63
CA LEU A 73 18.95 9.85 9.56
C LEU A 73 19.99 9.03 10.30
N THR A 74 19.63 8.58 11.49
CA THR A 74 20.49 7.67 12.23
C THR A 74 20.61 6.34 11.50
N LEU A 75 21.66 5.58 11.85
CA LEU A 75 21.85 4.26 11.27
C LEU A 75 20.63 3.38 11.49
N HIS A 76 20.07 3.40 12.70
CA HIS A 76 18.92 2.54 12.98
C HIS A 76 17.72 2.91 12.12
N ASP A 77 17.45 4.21 11.97
CA ASP A 77 16.34 4.64 11.14
C ASP A 77 16.57 4.28 9.68
N GLN A 78 17.81 4.41 9.20
CA GLN A 78 18.12 4.00 7.84
C GLN A 78 17.85 2.51 7.66
N VAL A 79 18.32 1.70 8.61
CA VAL A 79 18.10 0.25 8.57
C VAL A 79 16.61 -0.05 8.50
N HIS A 80 15.82 0.61 9.35
CA HIS A 80 14.38 0.36 9.41
C HIS A 80 13.70 0.63 8.07
N LEU A 81 13.98 1.78 7.48
CA LEU A 81 13.33 2.13 6.21
C LEU A 81 13.70 1.14 5.12
N LEU A 82 14.96 0.71 5.07
CA LEU A 82 15.40 -0.19 4.01
C LEU A 82 14.81 -1.58 4.21
N GLU A 83 14.93 -2.12 5.43
CA GLU A 83 14.33 -3.41 5.74
C GLU A 83 12.85 -3.44 5.39
N CYS A 84 12.16 -2.31 5.56
CA CYS A 84 10.73 -2.28 5.29
C CYS A 84 10.43 -2.25 3.80
N ALA A 85 11.19 -1.47 3.04
CA ALA A 85 10.84 -1.14 1.66
C ALA A 85 11.65 -1.87 0.60
N TRP A 86 12.58 -2.76 0.98
CA TRP A 86 13.57 -3.21 0.01
C TRP A 86 12.94 -3.92 -1.19
N LEU A 87 11.92 -4.75 -0.95
CA LEU A 87 11.28 -5.45 -2.06
C LEU A 87 10.39 -4.51 -2.87
N GLU A 88 9.69 -3.57 -2.21
CA GLU A 88 8.96 -2.55 -2.96
C GLU A 88 9.89 -1.81 -3.92
N ILE A 89 11.11 -1.50 -3.46
CA ILE A 89 12.06 -0.74 -4.26
C ILE A 89 12.55 -1.55 -5.45
N LEU A 90 12.86 -2.84 -5.24
CA LEU A 90 13.25 -3.67 -6.38
C LEU A 90 12.10 -3.81 -7.37
N MET A 91 10.86 -3.85 -6.86
CA MET A 91 9.72 -4.13 -7.73
C MET A 91 9.34 -2.91 -8.57
N ILE A 92 9.45 -1.70 -8.02
CA ILE A 92 9.13 -0.53 -8.85
C ILE A 92 10.22 -0.32 -9.90
N GLY A 93 11.47 -0.64 -9.57
CA GLY A 93 12.51 -0.62 -10.58
C GLY A 93 12.26 -1.65 -11.66
N LEU A 94 11.91 -2.88 -11.27
CA LEU A 94 11.55 -3.91 -12.24
C LEU A 94 10.43 -3.45 -13.14
N VAL A 95 9.36 -2.93 -12.54
CA VAL A 95 8.21 -2.45 -13.30
C VAL A 95 8.62 -1.32 -14.24
N TRP A 96 9.49 -0.43 -13.76
CA TRP A 96 9.98 0.65 -14.60
C TRP A 96 10.78 0.12 -15.79
N ARG A 97 11.69 -0.83 -15.55
CA ARG A 97 12.50 -1.40 -16.63
C ARG A 97 11.65 -2.11 -17.68
N SER A 98 10.52 -2.66 -17.27
CA SER A 98 9.65 -3.44 -18.14
C SER A 98 8.64 -2.59 -18.90
N MET A 99 8.63 -1.28 -18.67
CA MET A 99 7.56 -0.43 -19.19
C MET A 99 7.49 -0.48 -20.71
N GLU A 100 8.64 -0.45 -21.39
CA GLU A 100 8.67 -0.49 -22.84
C GLU A 100 8.59 -1.91 -23.39
N HIS A 101 8.34 -2.90 -22.54
CA HIS A 101 8.28 -4.30 -22.95
C HIS A 101 6.92 -4.87 -22.54
N PRO A 102 5.86 -4.52 -23.27
CA PRO A 102 4.51 -4.99 -22.88
C PRO A 102 4.45 -6.51 -22.79
N GLY A 103 3.82 -7.00 -21.72
CA GLY A 103 3.66 -8.42 -21.50
C GLY A 103 4.89 -9.14 -20.99
N LYS A 104 5.95 -8.41 -20.65
CA LYS A 104 7.18 -9.02 -20.20
C LYS A 104 7.74 -8.26 -19.00
N LEU A 105 8.56 -8.96 -18.22
CA LEU A 105 9.25 -8.39 -17.06
C LEU A 105 10.75 -8.43 -17.33
N LEU A 106 11.36 -7.25 -17.46
CA LEU A 106 12.80 -7.14 -17.68
C LEU A 106 13.49 -7.13 -16.32
N PHE A 107 13.67 -8.33 -15.76
CA PHE A 107 14.47 -8.44 -14.55
C PHE A 107 15.89 -7.96 -14.81
N ALA A 108 16.42 -8.27 -15.99
CA ALA A 108 17.73 -7.83 -16.45
C ALA A 108 17.71 -7.81 -17.96
N PRO A 109 18.65 -7.10 -18.61
CA PRO A 109 18.65 -7.09 -20.09
C PRO A 109 18.76 -8.46 -20.73
N ASN A 110 19.32 -9.45 -20.04
CA ASN A 110 19.41 -10.81 -20.56
C ASN A 110 18.49 -11.76 -19.82
N LEU A 111 17.49 -11.23 -19.11
CA LEU A 111 16.50 -12.02 -18.37
C LEU A 111 15.15 -11.30 -18.53
N LEU A 112 14.52 -11.53 -19.69
CA LEU A 112 13.22 -10.96 -20.03
C LEU A 112 12.22 -12.11 -20.06
N LEU A 113 11.32 -12.13 -19.09
CA LEU A 113 10.39 -13.24 -18.89
C LEU A 113 8.95 -12.78 -19.11
N ASP A 114 8.09 -13.72 -19.53
CA ASP A 114 6.66 -13.49 -19.66
C ASP A 114 5.92 -14.25 -18.55
N ARG A 115 4.59 -14.11 -18.57
CA ARG A 115 3.79 -14.71 -17.49
C ARG A 115 3.83 -16.23 -17.54
N ASN A 116 3.98 -16.81 -18.73
CA ASN A 116 4.06 -18.27 -18.81
C ASN A 116 5.34 -18.79 -18.17
N GLN A 117 6.43 -18.05 -18.28
CA GLN A 117 7.64 -18.44 -17.55
C GLN A 117 7.49 -18.23 -16.07
N GLY A 118 6.53 -17.40 -15.65
CA GLY A 118 6.20 -17.32 -14.23
C GLY A 118 5.61 -18.60 -13.68
N LYS A 119 5.01 -19.43 -14.53
CA LYS A 119 4.54 -20.74 -14.11
C LYS A 119 5.67 -21.71 -13.85
N CYS A 120 6.92 -21.36 -14.19
CA CYS A 120 8.04 -22.23 -13.88
C CYS A 120 8.28 -22.32 -12.37
N VAL A 121 7.76 -21.36 -11.61
CA VAL A 121 7.87 -21.36 -10.15
C VAL A 121 6.46 -21.38 -9.57
N GLU A 122 6.23 -22.25 -8.59
CA GLU A 122 4.90 -22.40 -8.04
C GLU A 122 4.47 -21.14 -7.32
N GLY A 123 3.29 -20.62 -7.67
CA GLY A 123 2.72 -19.49 -6.97
C GLY A 123 3.31 -18.14 -7.33
N MET A 124 4.16 -18.06 -8.35
CA MET A 124 4.73 -16.78 -8.77
C MET A 124 3.94 -16.14 -9.91
N VAL A 125 3.17 -16.92 -10.66
CA VAL A 125 2.45 -16.37 -11.80
C VAL A 125 1.47 -15.28 -11.35
N GLU A 126 0.89 -15.43 -10.14
CA GLU A 126 0.03 -14.37 -9.61
C GLU A 126 0.81 -13.08 -9.43
N ILE A 127 2.05 -13.19 -8.94
CA ILE A 127 2.88 -12.01 -8.72
C ILE A 127 3.34 -11.41 -10.05
N PHE A 128 3.72 -12.27 -11.00
CA PHE A 128 4.03 -11.80 -12.34
C PHE A 128 2.89 -10.97 -12.91
N ASP A 129 1.66 -11.45 -12.77
CA ASP A 129 0.51 -10.74 -13.34
C ASP A 129 0.33 -9.36 -12.71
N MET A 130 0.44 -9.27 -11.39
CA MET A 130 0.37 -7.97 -10.74
C MET A 130 1.48 -7.05 -11.22
N LEU A 131 2.71 -7.57 -11.32
CA LEU A 131 3.82 -6.75 -11.80
C LEU A 131 3.56 -6.27 -13.22
N LEU A 132 3.06 -7.17 -14.09
CA LEU A 132 2.77 -6.79 -15.46
C LEU A 132 1.68 -5.73 -15.52
N ALA A 133 0.63 -5.89 -14.71
CA ALA A 133 -0.44 -4.90 -14.71
C ALA A 133 0.07 -3.55 -14.23
N THR A 134 1.01 -3.55 -13.28
CA THR A 134 1.58 -2.29 -12.83
C THR A 134 2.41 -1.65 -13.94
N SER A 135 3.21 -2.45 -14.65
CA SER A 135 4.03 -1.92 -15.72
C SER A 135 3.17 -1.36 -16.85
N SER A 136 2.09 -2.05 -17.20
CA SER A 136 1.18 -1.52 -18.21
C SER A 136 0.55 -0.23 -17.74
N ARG A 137 0.22 -0.14 -16.46
CA ARG A 137 -0.36 1.10 -15.93
C ARG A 137 0.62 2.25 -16.06
N PHE A 138 1.90 2.00 -15.76
CA PHE A 138 2.91 3.04 -15.93
C PHE A 138 3.05 3.44 -17.39
N ARG A 139 3.07 2.47 -18.30
CA ARG A 139 3.19 2.79 -19.71
C ARG A 139 2.01 3.62 -20.21
N MET A 140 0.79 3.24 -19.81
CA MET A 140 -0.39 4.00 -20.23
C MET A 140 -0.41 5.41 -19.65
N MET A 141 0.24 5.62 -18.51
CA MET A 141 0.37 6.95 -17.93
C MET A 141 1.54 7.73 -18.50
N ASN A 142 2.34 7.12 -19.38
CA ASN A 142 3.54 7.75 -19.91
C ASN A 142 4.43 8.26 -18.78
N LEU A 143 4.70 7.37 -17.82
CA LEU A 143 5.54 7.72 -16.68
C LEU A 143 6.93 8.14 -17.13
N GLN A 144 7.38 9.29 -16.66
CA GLN A 144 8.69 9.83 -17.02
C GLN A 144 9.72 9.42 -15.98
N GLY A 145 10.97 9.26 -16.44
CA GLY A 145 12.05 8.88 -15.55
C GLY A 145 12.20 9.80 -14.35
N GLU A 146 11.98 11.10 -14.56
CA GLU A 146 12.03 12.04 -13.44
C GLU A 146 10.93 11.76 -12.43
N GLU A 147 9.74 11.37 -12.90
CA GLU A 147 8.67 11.00 -11.98
C GLU A 147 9.00 9.69 -11.28
N PHE A 148 9.64 8.77 -12.00
CA PHE A 148 9.97 7.46 -11.43
C PHE A 148 10.92 7.58 -10.24
N VAL A 149 11.97 8.40 -10.37
CA VAL A 149 12.92 8.50 -9.27
C VAL A 149 12.27 9.14 -8.05
N CYS A 150 11.37 10.10 -8.26
CA CYS A 150 10.63 10.65 -7.12
C CYS A 150 9.79 9.57 -6.42
N LEU A 151 9.12 8.73 -7.20
CA LEU A 151 8.25 7.69 -6.60
C LEU A 151 9.06 6.67 -5.83
N LYS A 152 10.19 6.23 -6.38
CA LYS A 152 11.02 5.25 -5.69
C LYS A 152 11.56 5.81 -4.39
N SER A 153 11.93 7.09 -4.38
CA SER A 153 12.42 7.71 -3.14
C SER A 153 11.31 7.84 -2.11
N ILE A 154 10.09 8.17 -2.58
CA ILE A 154 8.95 8.25 -1.67
C ILE A 154 8.75 6.93 -0.94
N ILE A 155 8.82 5.81 -1.69
CA ILE A 155 8.69 4.48 -1.08
C ILE A 155 9.71 4.29 0.03
N LEU A 156 10.98 4.60 -0.26
CA LEU A 156 12.03 4.45 0.74
C LEU A 156 11.68 5.19 2.02
N LEU A 157 11.29 6.46 1.91
CA LEU A 157 11.07 7.28 3.09
C LEU A 157 9.73 7.00 3.76
N ASN A 158 8.73 6.54 3.02
CA ASN A 158 7.38 6.47 3.57
C ASN A 158 7.01 5.10 4.12
N SER A 159 7.46 4.01 3.50
CA SER A 159 6.87 2.72 3.77
C SER A 159 7.04 2.31 5.24
N GLY A 160 8.20 2.60 5.83
CA GLY A 160 8.44 2.31 7.22
C GLY A 160 8.26 3.45 8.19
N VAL A 161 7.71 4.59 7.77
CA VAL A 161 7.72 5.79 8.61
C VAL A 161 6.75 5.68 9.78
N TYR A 162 5.69 4.87 9.67
CA TYR A 162 4.69 4.74 10.72
C TYR A 162 4.89 3.48 11.56
N THR A 163 6.07 2.86 11.46
CA THR A 163 6.44 1.75 12.30
C THR A 163 7.67 2.06 13.14
N PHE A 164 7.95 3.36 13.32
CA PHE A 164 9.04 3.82 14.18
C PHE A 164 8.62 3.83 15.64
N LYS A 175 10.74 11.38 12.58
CA LYS A 175 9.63 11.31 11.63
C LYS A 175 9.35 12.69 11.04
N ASP A 176 9.54 13.73 11.85
CA ASP A 176 9.30 15.09 11.38
C ASP A 176 10.20 15.41 10.19
N HIS A 177 11.49 15.12 10.31
CA HIS A 177 12.42 15.35 9.21
C HIS A 177 12.01 14.57 7.97
N ILE A 178 11.67 13.29 8.15
CA ILE A 178 11.27 12.46 7.01
C ILE A 178 10.06 13.05 6.31
N HIS A 179 9.05 13.46 7.07
CA HIS A 179 7.83 14.03 6.47
C HIS A 179 8.13 15.33 5.73
N ARG A 180 9.09 16.13 6.20
CA ARG A 180 9.46 17.34 5.48
C ARG A 180 10.16 17.01 4.17
N VAL A 181 10.95 15.93 4.15
CA VAL A 181 11.59 15.52 2.90
C VAL A 181 10.55 15.01 1.92
N LEU A 182 9.64 14.15 2.40
CA LEU A 182 8.54 13.67 1.56
C LEU A 182 7.75 14.83 0.97
N ASP A 183 7.51 15.88 1.75
CA ASP A 183 6.85 17.06 1.22
C ASP A 183 7.68 17.66 0.09
N LYS A 184 9.00 17.75 0.29
CA LYS A 184 9.89 18.27 -0.75
C LYS A 184 9.79 17.45 -2.02
N ILE A 185 9.63 16.13 -1.89
CA ILE A 185 9.51 15.28 -3.08
C ILE A 185 8.18 15.51 -3.77
N THR A 186 7.12 15.80 -2.99
CA THR A 186 5.83 16.14 -3.59
C THR A 186 5.93 17.43 -4.40
N ASP A 187 6.56 18.47 -3.83
CA ASP A 187 6.76 19.71 -4.58
C ASP A 187 7.51 19.42 -5.87
N THR A 188 8.47 18.51 -5.82
CA THR A 188 9.27 18.20 -6.99
C THR A 188 8.44 17.51 -8.06
N LEU A 189 7.57 16.57 -7.64
CA LEU A 189 6.69 15.89 -8.57
C LEU A 189 5.72 16.87 -9.24
N ILE A 190 5.14 17.78 -8.43
CA ILE A 190 4.23 18.79 -9.00
C ILE A 190 4.98 19.67 -9.99
N HIS A 191 6.16 20.14 -9.60
CA HIS A 191 6.98 20.98 -10.47
C HIS A 191 7.28 20.31 -11.80
N LEU A 192 7.54 19.00 -11.79
CA LEU A 192 7.77 18.29 -13.05
C LEU A 192 6.52 18.29 -13.92
N MET A 193 5.36 18.08 -13.31
CA MET A 193 4.12 18.06 -14.08
C MET A 193 3.75 19.44 -14.60
N ALA A 194 4.00 20.48 -13.80
CA ALA A 194 3.81 21.84 -14.31
C ALA A 194 4.77 22.11 -15.46
N LYS A 195 6.00 21.60 -15.36
CA LYS A 195 7.00 21.81 -16.40
C LYS A 195 6.60 21.11 -17.70
N ALA A 196 5.92 19.96 -17.60
CA ALA A 196 5.40 19.26 -18.76
C ALA A 196 4.18 19.92 -19.39
N GLY A 197 3.62 20.95 -18.76
CA GLY A 197 2.50 21.66 -19.33
C GLY A 197 1.13 21.25 -18.82
N LEU A 198 1.06 20.45 -17.76
CA LEU A 198 -0.24 20.08 -17.22
C LEU A 198 -0.89 21.25 -16.51
N THR A 199 -2.21 21.34 -16.60
CA THR A 199 -2.95 22.30 -15.81
C THR A 199 -2.87 21.94 -14.33
N LEU A 200 -3.26 22.90 -13.49
CA LEU A 200 -3.29 22.65 -12.05
C LEU A 200 -4.13 21.41 -11.73
N GLN A 201 -5.31 21.31 -12.34
CA GLN A 201 -6.17 20.15 -12.09
C GLN A 201 -5.50 18.86 -12.56
N GLN A 202 -4.87 18.89 -13.74
CA GLN A 202 -4.16 17.72 -14.22
C GLN A 202 -2.96 17.38 -13.34
N GLN A 203 -2.39 18.37 -12.67
CA GLN A 203 -1.25 18.10 -11.80
C GLN A 203 -1.65 17.26 -10.59
N HIS A 204 -2.68 17.70 -9.86
CA HIS A 204 -3.04 16.94 -8.65
C HIS A 204 -3.70 15.61 -9.00
N GLN A 205 -4.41 15.54 -10.13
CA GLN A 205 -4.98 14.26 -10.55
C GLN A 205 -3.87 13.26 -10.82
N ARG A 206 -2.82 13.69 -11.52
CA ARG A 206 -1.73 12.77 -11.84
C ARG A 206 -0.95 12.40 -10.58
N LEU A 207 -0.69 13.38 -9.70
CA LEU A 207 -0.04 13.08 -8.44
C LEU A 207 -0.80 12.01 -7.67
N ALA A 208 -2.12 12.12 -7.62
CA ALA A 208 -2.92 11.10 -6.94
C ALA A 208 -2.79 9.75 -7.64
N GLN A 209 -2.87 9.75 -8.97
CA GLN A 209 -2.80 8.49 -9.72
C GLN A 209 -1.50 7.76 -9.40
N LEU A 210 -0.38 8.48 -9.38
CA LEU A 210 0.91 7.85 -9.10
C LEU A 210 0.98 7.35 -7.66
N LEU A 211 0.56 8.17 -6.70
CA LEU A 211 0.68 7.77 -5.30
C LEU A 211 -0.22 6.58 -4.97
N LEU A 212 -1.38 6.47 -5.64
CA LEU A 212 -2.25 5.33 -5.41
C LEU A 212 -1.62 4.04 -5.91
N ILE A 213 -0.77 4.11 -6.94
CA ILE A 213 -0.08 2.91 -7.41
C ILE A 213 0.84 2.36 -6.32
N LEU A 214 1.36 3.23 -5.44
CA LEU A 214 2.22 2.76 -4.36
C LEU A 214 1.49 1.86 -3.39
N SER A 215 0.17 1.98 -3.31
CA SER A 215 -0.59 1.02 -2.53
C SER A 215 -0.55 -0.35 -3.17
N HIS A 216 -0.59 -0.41 -4.50
N HIS A 216 -0.59 -0.41 -4.50
CA HIS A 216 -0.49 -1.69 -5.20
CA HIS A 216 -0.49 -1.68 -5.20
C HIS A 216 0.91 -2.26 -5.07
C HIS A 216 0.92 -2.26 -5.08
N ILE A 217 1.94 -1.39 -5.12
CA ILE A 217 3.32 -1.86 -4.98
C ILE A 217 3.53 -2.48 -3.61
N ARG A 218 2.94 -1.89 -2.57
CA ARG A 218 3.01 -2.46 -1.23
C ARG A 218 2.38 -3.84 -1.18
N HIS A 219 1.21 -3.99 -1.81
CA HIS A 219 0.54 -5.28 -1.91
C HIS A 219 1.44 -6.30 -2.58
N MET A 220 2.07 -5.93 -3.69
CA MET A 220 2.92 -6.87 -4.42
C MET A 220 4.14 -7.28 -3.60
N SER A 221 4.69 -6.34 -2.82
CA SER A 221 5.80 -6.67 -1.94
C SER A 221 5.38 -7.65 -0.85
N ASN A 222 4.22 -7.40 -0.24
CA ASN A 222 3.75 -8.30 0.81
C ASN A 222 3.52 -9.71 0.26
N LYS A 223 2.89 -9.82 -0.91
CA LYS A 223 2.73 -11.13 -1.53
C LYS A 223 4.08 -11.73 -1.89
N GLY A 224 4.99 -10.91 -2.42
CA GLY A 224 6.32 -11.42 -2.78
C GLY A 224 7.12 -11.86 -1.57
N MET A 225 6.95 -11.16 -0.44
CA MET A 225 7.64 -11.53 0.78
C MET A 225 7.19 -12.89 1.28
N GLU A 226 5.87 -13.13 1.29
CA GLU A 226 5.37 -14.44 1.69
C GLU A 226 5.82 -15.52 0.71
N HIS A 227 5.91 -15.20 -0.57
CA HIS A 227 6.37 -16.18 -1.56
C HIS A 227 7.84 -16.50 -1.35
N LEU A 228 8.66 -15.48 -1.09
CA LEU A 228 10.07 -15.72 -0.81
C LEU A 228 10.24 -16.50 0.49
N TYR A 229 9.44 -16.18 1.50
CA TYR A 229 9.49 -16.92 2.76
C TYR A 229 9.20 -18.40 2.53
N SER A 230 8.22 -18.72 1.66
CA SER A 230 7.90 -20.11 1.40
C SER A 230 9.03 -20.82 0.68
N MET A 231 9.72 -20.12 -0.23
CA MET A 231 10.83 -20.73 -0.96
C MET A 231 11.98 -21.09 -0.01
N LYS A 232 12.24 -20.24 0.98
CA LYS A 232 13.26 -20.57 1.98
C LYS A 232 12.82 -21.75 2.84
N CYS A 233 11.57 -21.71 3.33
CA CYS A 233 11.07 -22.81 4.15
C CYS A 233 11.02 -24.11 3.36
N LYS A 234 10.70 -24.03 2.08
CA LYS A 234 10.68 -25.21 1.22
C LYS A 234 12.06 -25.54 0.68
N ASN A 235 13.09 -24.78 1.06
CA ASN A 235 14.48 -25.02 0.69
C ASN A 235 14.67 -25.14 -0.83
N VAL A 236 13.85 -24.42 -1.59
CA VAL A 236 13.95 -24.46 -3.05
C VAL A 236 15.28 -23.87 -3.51
N VAL A 237 15.70 -22.79 -2.87
CA VAL A 237 16.76 -21.92 -3.39
C VAL A 237 17.68 -21.54 -2.23
N PRO A 238 19.00 -21.53 -2.45
CA PRO A 238 19.90 -20.95 -1.45
C PRO A 238 19.80 -19.43 -1.45
N LEU A 239 19.42 -18.87 -0.30
CA LEU A 239 19.30 -17.44 -0.15
C LEU A 239 20.53 -16.89 0.57
N SER A 240 21.04 -15.76 0.10
CA SER A 240 22.21 -15.16 0.73
C SER A 240 21.87 -14.73 2.15
N ASP A 241 22.91 -14.65 2.99
CA ASP A 241 22.71 -14.16 4.35
C ASP A 241 22.10 -12.76 4.37
N LEU A 242 22.47 -11.91 3.41
CA LEU A 242 21.84 -10.59 3.30
C LEU A 242 20.34 -10.73 3.06
N LEU A 243 19.95 -11.52 2.05
CA LEU A 243 18.54 -11.71 1.77
C LEU A 243 17.80 -12.29 2.96
N LEU A 244 18.41 -13.29 3.62
CA LEU A 244 17.79 -13.88 4.80
C LEU A 244 17.55 -12.85 5.90
N GLU A 245 18.44 -11.87 6.03
CA GLU A 245 18.27 -10.87 7.07
C GLU A 245 17.23 -9.83 6.66
N MET A 246 17.24 -9.41 5.39
CA MET A 246 16.21 -8.50 4.90
C MET A 246 14.84 -9.16 4.96
N LEU A 247 14.78 -10.47 4.70
CA LEU A 247 13.53 -11.20 4.80
C LEU A 247 13.09 -11.36 6.26
N ASP A 248 14.04 -11.61 7.16
CA ASP A 248 13.73 -11.82 8.56
C ASP A 248 13.19 -10.55 9.23
N ALA A 249 13.46 -9.38 8.66
CA ALA A 249 12.93 -8.14 9.23
C ALA A 249 11.41 -8.03 9.13
N HIS A 250 10.79 -8.79 8.22
CA HIS A 250 9.34 -8.76 8.07
C HIS A 250 8.63 -9.82 8.88
N ARG A 251 9.37 -10.64 9.63
CA ARG A 251 8.80 -11.65 10.52
C ARG A 251 7.85 -12.61 9.82
N SER B 8 -22.42 8.64 -17.26
CA SER B 8 -22.48 8.43 -15.83
C SER B 8 -22.94 9.68 -15.09
N LEU B 9 -23.77 9.49 -14.07
CA LEU B 9 -24.28 10.60 -13.26
C LEU B 9 -23.32 11.02 -12.17
N ALA B 10 -22.41 10.14 -11.74
CA ALA B 10 -21.43 10.52 -10.73
C ALA B 10 -20.46 11.56 -11.25
N LEU B 11 -20.13 11.52 -12.54
CA LEU B 11 -19.18 12.47 -13.11
C LEU B 11 -19.76 13.87 -13.18
N SER B 12 -21.07 14.02 -13.11
CA SER B 12 -21.72 15.33 -13.18
C SER B 12 -21.83 16.00 -11.82
N LEU B 13 -21.30 15.40 -10.77
CA LEU B 13 -21.39 15.99 -9.43
C LEU B 13 -20.27 16.99 -9.21
N THR B 14 -20.62 18.12 -8.59
CA THR B 14 -19.62 19.06 -8.12
C THR B 14 -18.92 18.50 -6.90
N ALA B 15 -17.97 19.27 -6.36
CA ALA B 15 -17.23 18.80 -5.19
C ALA B 15 -18.12 18.78 -3.95
N ASP B 16 -18.94 19.81 -3.76
CA ASP B 16 -19.80 19.85 -2.57
C ASP B 16 -20.83 18.73 -2.60
N GLN B 17 -21.38 18.43 -3.78
CA GLN B 17 -22.32 17.32 -3.89
C GLN B 17 -21.65 15.98 -3.61
N MET B 18 -20.37 15.84 -3.99
CA MET B 18 -19.66 14.60 -3.72
C MET B 18 -19.49 14.38 -2.21
N VAL B 19 -19.08 15.44 -1.50
CA VAL B 19 -18.93 15.33 -0.05
C VAL B 19 -20.27 15.00 0.59
N SER B 20 -21.32 15.72 0.20
CA SER B 20 -22.65 15.48 0.78
C SER B 20 -23.10 14.04 0.53
N ALA B 21 -22.91 13.54 -0.70
CA ALA B 21 -23.30 12.17 -1.00
C ALA B 21 -22.49 11.17 -0.18
N LEU B 22 -21.19 11.44 -0.02
CA LEU B 22 -20.37 10.52 0.77
C LEU B 22 -20.71 10.58 2.26
N LEU B 23 -20.94 11.79 2.78
CA LEU B 23 -21.28 11.92 4.18
C LEU B 23 -22.63 11.28 4.49
N ASP B 24 -23.60 11.43 3.59
CA ASP B 24 -24.91 10.87 3.81
C ASP B 24 -24.91 9.35 3.73
N ALA B 25 -23.98 8.78 2.97
CA ALA B 25 -23.87 7.33 2.84
C ALA B 25 -23.19 6.66 4.02
N GLU B 26 -22.75 7.42 5.02
CA GLU B 26 -21.88 6.88 6.05
C GLU B 26 -22.57 5.77 6.83
N PRO B 27 -21.90 4.65 7.09
CA PRO B 27 -22.53 3.58 7.86
C PRO B 27 -22.61 3.96 9.33
N PRO B 28 -23.48 3.32 10.09
CA PRO B 28 -23.57 3.60 11.52
C PRO B 28 -22.45 2.93 12.31
N ILE B 29 -22.28 3.39 13.54
CA ILE B 29 -21.28 2.83 14.45
C ILE B 29 -21.97 1.72 15.25
N LEU B 30 -21.55 0.49 15.03
CA LEU B 30 -22.19 -0.67 15.66
C LEU B 30 -21.58 -0.95 17.03
N TYR B 31 -22.36 -1.63 17.87
CA TYR B 31 -21.88 -2.04 19.17
C TYR B 31 -21.39 -3.48 19.13
N SER B 32 -20.46 -3.80 20.01
CA SER B 32 -19.97 -5.15 20.16
C SER B 32 -20.88 -5.94 21.09
N GLU B 33 -20.74 -7.25 21.05
CA GLU B 33 -21.39 -8.14 22.00
C GLU B 33 -20.63 -8.23 23.31
N TYR B 34 -19.70 -7.31 23.57
CA TYR B 34 -18.82 -7.36 24.73
C TYR B 34 -19.60 -7.50 26.02
N ASP B 35 -19.45 -8.64 26.70
CA ASP B 35 -20.01 -8.85 28.02
C ASP B 35 -18.95 -8.46 29.05
N PRO B 36 -19.08 -7.31 29.71
CA PRO B 36 -17.96 -6.84 30.57
C PRO B 36 -17.58 -7.82 31.66
N THR B 37 -18.52 -8.66 32.09
CA THR B 37 -18.22 -9.64 33.13
C THR B 37 -17.38 -10.79 32.62
N ARG B 38 -17.43 -11.07 31.32
CA ARG B 38 -16.75 -12.23 30.76
C ARG B 38 -15.25 -11.98 30.68
N PRO B 39 -14.42 -12.73 31.42
CA PRO B 39 -12.98 -12.55 31.29
C PRO B 39 -12.51 -12.88 29.88
N PHE B 40 -11.54 -12.10 29.40
CA PHE B 40 -11.06 -12.26 28.03
C PHE B 40 -10.26 -13.55 27.87
N SER B 41 -10.54 -14.27 26.80
CA SER B 41 -9.68 -15.32 26.27
C SER B 41 -9.29 -14.93 24.85
N GLU B 42 -8.31 -15.64 24.30
CA GLU B 42 -7.96 -15.43 22.90
C GLU B 42 -9.15 -15.74 22.00
N ALA B 43 -9.91 -16.79 22.31
CA ALA B 43 -11.07 -17.15 21.49
C ALA B 43 -12.18 -16.10 21.61
N SER B 44 -12.47 -15.65 22.83
CA SER B 44 -13.58 -14.73 23.01
C SER B 44 -13.28 -13.35 22.42
N MET B 45 -12.03 -12.91 22.48
CA MET B 45 -11.70 -11.61 21.90
C MET B 45 -11.73 -11.65 20.38
N MET B 46 -11.17 -12.71 19.79
CA MET B 46 -11.30 -12.91 18.35
C MET B 46 -12.76 -13.11 17.96
N GLY B 47 -13.53 -13.79 18.81
CA GLY B 47 -14.96 -13.90 18.57
C GLY B 47 -15.66 -12.56 18.56
N LEU B 48 -15.29 -11.67 19.49
CA LEU B 48 -15.88 -10.34 19.53
C LEU B 48 -15.52 -9.54 18.28
N LEU B 49 -14.25 -9.62 17.86
CA LEU B 49 -13.80 -8.81 16.73
C LEU B 49 -14.44 -9.27 15.42
N THR B 50 -14.51 -10.59 15.22
CA THR B 50 -15.05 -11.12 13.97
C THR B 50 -16.57 -11.00 13.90
N ASN B 51 -17.27 -11.17 15.03
CA ASN B 51 -18.70 -10.91 15.05
C ASN B 51 -19.00 -9.47 14.66
N LEU B 52 -18.25 -8.53 15.24
CA LEU B 52 -18.38 -7.12 14.87
C LEU B 52 -18.12 -6.91 13.38
N ALA B 53 -17.02 -7.48 12.88
CA ALA B 53 -16.68 -7.30 11.47
C ALA B 53 -17.76 -7.87 10.56
N ASP B 54 -18.35 -9.01 10.96
CA ASP B 54 -19.40 -9.61 10.14
C ASP B 54 -20.61 -8.69 10.04
N ARG B 55 -21.03 -8.10 11.16
N ARG B 55 -21.03 -8.09 11.15
CA ARG B 55 -22.17 -7.18 11.12
CA ARG B 55 -22.18 -7.19 11.10
C ARG B 55 -21.83 -5.90 10.37
C ARG B 55 -21.84 -5.89 10.37
N GLU B 56 -20.59 -5.43 10.47
CA GLU B 56 -20.18 -4.24 9.73
C GLU B 56 -20.16 -4.46 8.23
N LEU B 57 -19.86 -5.69 7.79
CA LEU B 57 -19.78 -5.96 6.36
C LEU B 57 -21.13 -5.74 5.68
N VAL B 58 -22.23 -6.08 6.37
CA VAL B 58 -23.55 -5.86 5.81
C VAL B 58 -23.77 -4.38 5.54
N HIS B 59 -23.42 -3.52 6.49
CA HIS B 59 -23.58 -2.09 6.30
C HIS B 59 -22.61 -1.55 5.26
N MET B 60 -21.39 -2.11 5.20
CA MET B 60 -20.41 -1.65 4.22
C MET B 60 -20.90 -1.92 2.80
N ILE B 61 -21.50 -3.10 2.57
CA ILE B 61 -22.02 -3.43 1.25
C ILE B 61 -23.05 -2.42 0.80
N ASN B 62 -23.97 -2.04 1.69
CA ASN B 62 -24.98 -1.06 1.31
C ASN B 62 -24.41 0.34 1.26
N TRP B 63 -23.35 0.62 2.04
CA TRP B 63 -22.62 1.86 1.85
C TRP B 63 -21.97 1.93 0.47
N ALA B 64 -21.34 0.83 0.03
CA ALA B 64 -20.66 0.84 -1.26
C ALA B 64 -21.61 1.19 -2.39
N LYS B 65 -22.85 0.70 -2.31
CA LYS B 65 -23.83 1.01 -3.35
C LYS B 65 -24.09 2.51 -3.47
N ARG B 66 -23.90 3.25 -2.39
CA ARG B 66 -24.15 4.68 -2.38
C ARG B 66 -22.91 5.51 -2.69
N VAL B 67 -21.78 4.87 -2.97
CA VAL B 67 -20.56 5.57 -3.37
C VAL B 67 -20.70 5.91 -4.86
N PRO B 68 -20.71 7.20 -5.23
CA PRO B 68 -20.95 7.57 -6.64
C PRO B 68 -20.07 6.81 -7.61
N GLY B 69 -20.69 6.22 -8.64
CA GLY B 69 -20.00 5.45 -9.64
C GLY B 69 -19.95 3.95 -9.38
N PHE B 70 -20.12 3.53 -8.13
CA PHE B 70 -19.95 2.12 -7.82
C PHE B 70 -21.03 1.26 -8.46
N VAL B 71 -22.28 1.73 -8.48
CA VAL B 71 -23.36 0.96 -9.07
C VAL B 71 -23.29 0.96 -10.60
N ASP B 72 -22.55 1.89 -11.20
CA ASP B 72 -22.35 1.86 -12.64
C ASP B 72 -21.47 0.69 -13.06
N LEU B 73 -20.81 0.03 -12.13
CA LEU B 73 -19.98 -1.12 -12.45
C LEU B 73 -20.81 -2.39 -12.52
N THR B 74 -20.33 -3.34 -13.31
CA THR B 74 -20.97 -4.64 -13.36
C THR B 74 -20.95 -5.30 -11.98
N LEU B 75 -21.85 -6.25 -11.78
CA LEU B 75 -21.94 -6.92 -10.48
C LEU B 75 -20.65 -7.68 -10.18
N HIS B 76 -20.02 -8.27 -11.21
CA HIS B 76 -18.76 -8.95 -10.99
C HIS B 76 -17.67 -7.97 -10.53
N ASP B 77 -17.67 -6.77 -11.07
CA ASP B 77 -16.66 -5.79 -10.68
C ASP B 77 -16.90 -5.27 -9.26
N GLN B 78 -18.15 -5.15 -8.85
CA GLN B 78 -18.45 -4.74 -7.48
C GLN B 78 -17.98 -5.80 -6.49
N VAL B 79 -18.23 -7.09 -6.81
CA VAL B 79 -17.78 -8.17 -5.94
C VAL B 79 -16.28 -8.10 -5.75
N HIS B 80 -15.53 -7.96 -6.84
CA HIS B 80 -14.07 -7.96 -6.77
C HIS B 80 -13.54 -6.81 -5.93
N LEU B 81 -14.10 -5.61 -6.10
CA LEU B 81 -13.61 -4.44 -5.36
C LEU B 81 -13.78 -4.62 -3.86
N LEU B 82 -14.97 -5.08 -3.43
CA LEU B 82 -15.22 -5.27 -2.01
C LEU B 82 -14.43 -6.43 -1.45
N GLU B 83 -14.23 -7.50 -2.24
CA GLU B 83 -13.41 -8.61 -1.78
C GLU B 83 -11.98 -8.16 -1.48
N CYS B 84 -11.42 -7.27 -2.30
CA CYS B 84 -10.05 -6.81 -2.09
C CYS B 84 -9.93 -5.79 -0.96
N ALA B 85 -10.92 -4.92 -0.79
CA ALA B 85 -10.80 -3.74 0.07
C ALA B 85 -11.53 -3.85 1.40
N TRP B 86 -12.25 -4.94 1.67
CA TRP B 86 -13.16 -4.94 2.82
C TRP B 86 -12.41 -4.70 4.13
N LEU B 87 -11.26 -5.35 4.33
CA LEU B 87 -10.54 -5.19 5.59
C LEU B 87 -9.87 -3.82 5.68
N GLU B 88 -9.34 -3.33 4.56
CA GLU B 88 -8.85 -1.96 4.53
C GLU B 88 -9.93 -0.97 4.95
N ILE B 89 -11.14 -1.14 4.40
CA ILE B 89 -12.24 -0.22 4.72
C ILE B 89 -12.61 -0.32 6.19
N LEU B 90 -12.68 -1.55 6.72
CA LEU B 90 -12.96 -1.72 8.14
C LEU B 90 -11.87 -1.08 8.98
N MET B 91 -10.62 -1.18 8.53
CA MET B 91 -9.51 -0.68 9.34
C MET B 91 -9.45 0.85 9.33
N ILE B 92 -9.61 1.48 8.15
CA ILE B 92 -9.62 2.94 8.15
C ILE B 92 -10.77 3.45 9.00
N GLY B 93 -11.90 2.73 9.01
CA GLY B 93 -12.98 3.10 9.90
C GLY B 93 -12.60 3.00 11.36
N LEU B 94 -11.94 1.91 11.73
CA LEU B 94 -11.45 1.75 13.09
C LEU B 94 -10.50 2.88 13.47
N VAL B 95 -9.54 3.15 12.59
CA VAL B 95 -8.55 4.19 12.86
C VAL B 95 -9.22 5.55 13.01
N TRP B 96 -10.22 5.83 12.17
CA TRP B 96 -10.96 7.08 12.28
C TRP B 96 -11.71 7.18 13.61
N ARG B 97 -12.41 6.10 14.00
CA ARG B 97 -13.11 6.12 15.28
C ARG B 97 -12.16 6.33 16.44
N SER B 98 -10.92 5.89 16.30
CA SER B 98 -9.97 5.87 17.40
C SER B 98 -9.13 7.13 17.48
N MET B 99 -9.39 8.12 16.62
CA MET B 99 -8.50 9.27 16.50
C MET B 99 -8.32 9.98 17.83
N GLU B 100 -9.43 10.28 18.51
CA GLU B 100 -9.39 11.01 19.78
C GLU B 100 -9.30 10.10 20.99
N HIS B 101 -8.78 8.88 20.82
CA HIS B 101 -8.55 7.94 21.91
C HIS B 101 -7.11 7.45 21.86
N PRO B 102 -6.16 8.30 22.23
CA PRO B 102 -4.74 7.92 22.10
C PRO B 102 -4.42 6.66 22.87
N GLY B 103 -3.67 5.76 22.24
CA GLY B 103 -3.32 4.48 22.83
C GLY B 103 -4.47 3.49 22.88
N LYS B 104 -5.62 3.82 22.31
CA LYS B 104 -6.80 2.99 22.37
C LYS B 104 -7.37 2.80 20.97
N LEU B 105 -7.87 1.60 20.70
CA LEU B 105 -8.58 1.30 19.45
C LEU B 105 -10.06 1.12 19.79
N LEU B 106 -10.91 1.94 19.16
CA LEU B 106 -12.34 1.91 19.42
C LEU B 106 -13.01 1.04 18.35
N PHE B 107 -12.92 -0.28 18.55
CA PHE B 107 -13.68 -1.18 17.67
C PHE B 107 -15.17 -0.89 17.77
N ALA B 108 -15.64 -0.57 18.97
CA ALA B 108 -17.03 -0.22 19.20
C ALA B 108 -17.07 0.73 20.38
N PRO B 109 -18.17 1.47 20.56
CA PRO B 109 -18.26 2.33 21.75
C PRO B 109 -18.09 1.58 23.06
N ASN B 110 -18.47 0.29 23.10
CA ASN B 110 -18.31 -0.52 24.29
C ASN B 110 -17.12 -1.46 24.21
N LEU B 111 -16.26 -1.31 23.20
CA LEU B 111 -15.10 -2.18 23.01
C LEU B 111 -13.90 -1.30 22.67
N LEU B 112 -13.26 -0.78 23.71
CA LEU B 112 -12.09 0.08 23.60
C LEU B 112 -10.91 -0.70 24.15
N LEU B 113 -9.94 -1.01 23.28
CA LEU B 113 -8.81 -1.87 23.62
C LEU B 113 -7.49 -1.12 23.45
N ASP B 114 -6.54 -1.42 24.33
CA ASP B 114 -5.18 -0.94 24.21
C ASP B 114 -4.27 -2.07 23.73
N ARG B 115 -3.00 -1.76 23.49
CA ARG B 115 -2.09 -2.78 22.98
C ARG B 115 -1.90 -3.92 23.96
N ASN B 116 -2.04 -3.66 25.27
CA ASN B 116 -1.85 -4.73 26.24
C ASN B 116 -2.98 -5.77 26.13
N GLN B 117 -4.20 -5.32 25.86
CA GLN B 117 -5.30 -6.26 25.67
C GLN B 117 -5.18 -7.01 24.36
N GLY B 118 -4.54 -6.41 23.35
CA GLY B 118 -4.28 -7.14 22.11
C GLY B 118 -3.37 -8.34 22.30
N LYS B 119 -2.52 -8.31 23.33
CA LYS B 119 -1.65 -9.45 23.60
C LYS B 119 -2.46 -10.71 23.91
N CYS B 120 -3.75 -10.57 24.22
CA CYS B 120 -4.59 -11.72 24.51
C CYS B 120 -4.68 -12.65 23.31
N VAL B 121 -4.52 -12.13 22.10
CA VAL B 121 -4.53 -12.91 20.87
C VAL B 121 -3.12 -12.94 20.31
N GLU B 122 -2.61 -14.15 20.06
CA GLU B 122 -1.25 -14.31 19.56
C GLU B 122 -1.10 -13.66 18.19
N GLY B 123 -0.08 -12.82 18.05
CA GLY B 123 0.22 -12.19 16.78
C GLY B 123 -0.59 -10.95 16.45
N MET B 124 -1.53 -10.56 17.32
CA MET B 124 -2.38 -9.41 17.03
C MET B 124 -1.81 -8.09 17.54
N VAL B 125 -0.88 -8.14 18.50
CA VAL B 125 -0.36 -6.89 19.05
C VAL B 125 0.44 -6.12 18.00
N GLU B 126 1.14 -6.82 17.12
CA GLU B 126 1.87 -6.14 16.05
C GLU B 126 0.91 -5.39 15.14
N ILE B 127 -0.29 -5.92 14.94
CA ILE B 127 -1.29 -5.23 14.11
C ILE B 127 -1.91 -4.08 14.89
N PHE B 128 -2.18 -4.28 16.17
CA PHE B 128 -2.67 -3.19 17.02
C PHE B 128 -1.72 -2.01 16.99
N ASP B 129 -0.41 -2.26 17.09
CA ASP B 129 0.56 -1.17 17.08
C ASP B 129 0.53 -0.39 15.78
N MET B 130 0.31 -1.08 14.65
CA MET B 130 0.27 -0.38 13.37
C MET B 130 -1.00 0.46 13.23
N LEU B 131 -2.13 -0.07 13.71
CA LEU B 131 -3.37 0.71 13.69
C LEU B 131 -3.27 1.90 14.62
N LEU B 132 -2.71 1.72 15.81
CA LEU B 132 -2.55 2.83 16.75
C LEU B 132 -1.65 3.91 16.19
N ALA B 133 -0.60 3.51 15.45
CA ALA B 133 0.28 4.50 14.84
C ALA B 133 -0.43 5.25 13.72
N THR B 134 -1.25 4.54 12.93
CA THR B 134 -2.04 5.20 11.91
C THR B 134 -3.02 6.19 12.54
N SER B 135 -3.67 5.78 13.64
CA SER B 135 -4.54 6.69 14.36
C SER B 135 -3.77 7.91 14.87
N SER B 136 -2.55 7.69 15.38
CA SER B 136 -1.72 8.81 15.82
C SER B 136 -1.36 9.72 14.64
N ARG B 137 -1.18 9.15 13.45
CA ARG B 137 -0.88 9.98 12.29
C ARG B 137 -2.09 10.82 11.88
N PHE B 138 -3.28 10.23 11.89
CA PHE B 138 -4.50 10.99 11.60
C PHE B 138 -4.68 12.13 12.59
N ARG B 139 -4.34 11.90 13.86
CA ARG B 139 -4.51 12.94 14.86
C ARG B 139 -3.48 14.04 14.69
N MET B 140 -2.24 13.67 14.34
CA MET B 140 -1.21 14.67 14.07
C MET B 140 -1.51 15.47 12.80
N MET B 141 -2.28 14.91 11.87
CA MET B 141 -2.68 15.65 10.68
C MET B 141 -4.00 16.39 10.85
N ASN B 142 -4.69 16.18 11.96
CA ASN B 142 -6.04 16.71 12.16
C ASN B 142 -6.93 16.35 10.97
N LEU B 143 -6.94 15.06 10.63
CA LEU B 143 -7.78 14.58 9.55
C LEU B 143 -9.24 14.96 9.79
N GLN B 144 -9.88 15.51 8.76
CA GLN B 144 -11.26 15.94 8.84
C GLN B 144 -12.20 14.84 8.36
N GLY B 145 -13.44 14.88 8.86
CA GLY B 145 -14.42 13.90 8.45
C GLY B 145 -14.69 13.90 6.96
N GLU B 146 -14.70 15.08 6.35
CA GLU B 146 -14.89 15.16 4.90
C GLU B 146 -13.72 14.52 4.15
N GLU B 147 -12.51 14.65 4.69
CA GLU B 147 -11.37 13.99 4.06
C GLU B 147 -11.43 12.48 4.26
N PHE B 148 -11.89 12.04 5.43
CA PHE B 148 -11.95 10.62 5.72
C PHE B 148 -12.88 9.90 4.74
N VAL B 149 -14.06 10.47 4.49
CA VAL B 149 -15.01 9.77 3.63
C VAL B 149 -14.49 9.68 2.21
N CYS B 150 -13.76 10.71 1.74
CA CYS B 150 -13.10 10.62 0.45
C CYS B 150 -12.09 9.47 0.43
N LEU B 151 -11.25 9.38 1.46
CA LEU B 151 -10.21 8.35 1.49
C LEU B 151 -10.82 6.95 1.47
N LYS B 152 -11.85 6.73 2.27
CA LYS B 152 -12.48 5.40 2.31
C LYS B 152 -13.08 5.03 0.95
N SER B 153 -13.64 6.00 0.24
CA SER B 153 -14.15 5.71 -1.11
C SER B 153 -13.01 5.43 -2.08
N ILE B 154 -11.88 6.13 -1.93
CA ILE B 154 -10.71 5.88 -2.78
C ILE B 154 -10.23 4.44 -2.61
N ILE B 155 -10.16 3.96 -1.37
CA ILE B 155 -9.76 2.58 -1.10
C ILE B 155 -10.70 1.61 -1.83
N LEU B 156 -12.01 1.84 -1.71
CA LEU B 156 -12.98 0.97 -2.36
C LEU B 156 -12.74 0.87 -3.85
N LEU B 157 -12.52 2.00 -4.51
CA LEU B 157 -12.37 2.02 -5.96
C LEU B 157 -10.96 1.64 -6.42
N ASN B 158 -9.95 1.86 -5.58
CA ASN B 158 -8.57 1.68 -6.03
C ASN B 158 -8.00 0.30 -5.75
N SER B 159 -8.33 -0.29 -4.60
CA SER B 159 -7.54 -1.42 -4.10
C SER B 159 -7.56 -2.60 -5.07
N GLY B 160 -8.69 -2.85 -5.71
CA GLY B 160 -8.80 -3.95 -6.64
C GLY B 160 -8.77 -3.60 -8.11
N VAL B 161 -8.47 -2.35 -8.47
CA VAL B 161 -8.58 -1.91 -9.86
C VAL B 161 -7.53 -2.53 -10.77
N TYR B 162 -6.48 -3.14 -10.20
CA TYR B 162 -5.39 -3.71 -10.99
C TYR B 162 -5.25 -5.21 -10.77
N THR B 163 -6.28 -5.87 -10.27
CA THR B 163 -6.25 -7.32 -10.05
C THR B 163 -7.47 -7.99 -10.67
N GLU B 173 -11.26 -1.72 -19.57
CA GLU B 173 -12.16 -1.15 -20.57
C GLU B 173 -13.05 -0.09 -19.92
N GLU B 174 -13.86 -0.53 -18.95
CA GLU B 174 -14.65 0.38 -18.13
C GLU B 174 -13.94 0.70 -16.82
N LYS B 175 -12.68 0.27 -16.65
CA LYS B 175 -11.84 0.80 -15.60
C LYS B 175 -11.54 2.28 -15.83
N ASP B 176 -11.64 2.75 -17.07
N ASP B 176 -11.64 2.75 -17.07
CA ASP B 176 -11.50 4.17 -17.34
CA ASP B 176 -11.50 4.18 -17.32
C ASP B 176 -12.51 4.99 -16.55
C ASP B 176 -12.51 4.98 -16.50
N HIS B 177 -13.71 4.43 -16.33
CA HIS B 177 -14.73 5.12 -15.53
C HIS B 177 -14.35 5.13 -14.06
N ILE B 178 -13.80 4.02 -13.56
CA ILE B 178 -13.30 3.98 -12.19
C ILE B 178 -12.24 5.07 -11.98
N HIS B 179 -11.26 5.13 -12.88
CA HIS B 179 -10.25 6.18 -12.80
C HIS B 179 -10.86 7.55 -12.95
N ARG B 180 -11.95 7.67 -13.72
CA ARG B 180 -12.62 8.97 -13.87
C ARG B 180 -13.24 9.42 -12.57
N VAL B 181 -13.90 8.49 -11.86
CA VAL B 181 -14.46 8.82 -10.55
C VAL B 181 -13.34 9.08 -9.55
N LEU B 182 -12.28 8.27 -9.59
CA LEU B 182 -11.17 8.49 -8.67
C LEU B 182 -10.60 9.89 -8.81
N ASP B 183 -10.45 10.36 -10.06
CA ASP B 183 -10.03 11.74 -10.27
C ASP B 183 -11.03 12.74 -9.69
N LYS B 184 -12.33 12.50 -9.87
CA LYS B 184 -13.33 13.36 -9.25
C LYS B 184 -13.15 13.43 -7.73
N ILE B 185 -12.68 12.34 -7.11
CA ILE B 185 -12.47 12.39 -5.66
C ILE B 185 -11.23 13.21 -5.35
N THR B 186 -10.17 13.06 -6.14
CA THR B 186 -9.02 13.95 -6.01
C THR B 186 -9.44 15.41 -6.12
N ASP B 187 -10.28 15.72 -7.12
CA ASP B 187 -10.79 17.08 -7.26
C ASP B 187 -11.48 17.53 -5.98
N THR B 188 -12.30 16.65 -5.39
CA THR B 188 -13.01 16.98 -4.17
C THR B 188 -12.05 17.27 -3.02
N LEU B 189 -11.01 16.45 -2.88
CA LEU B 189 -10.04 16.62 -1.80
C LEU B 189 -9.35 17.98 -1.88
N ILE B 190 -8.77 18.29 -3.04
CA ILE B 190 -8.18 19.62 -3.25
C ILE B 190 -9.20 20.70 -2.94
N HIS B 191 -10.44 20.53 -3.41
CA HIS B 191 -11.49 21.51 -3.15
C HIS B 191 -11.65 21.77 -1.65
N LEU B 192 -11.76 20.70 -0.86
CA LEU B 192 -11.87 20.84 0.60
C LEU B 192 -10.68 21.60 1.17
N MET B 193 -9.47 21.23 0.78
CA MET B 193 -8.29 21.89 1.32
C MET B 193 -8.22 23.36 0.87
N ALA B 194 -8.56 23.62 -0.39
CA ALA B 194 -8.66 25.01 -0.82
C ALA B 194 -9.63 25.79 0.04
N LYS B 195 -10.79 25.18 0.34
CA LYS B 195 -11.79 25.84 1.18
C LYS B 195 -11.30 26.04 2.61
N ALA B 196 -10.34 25.22 3.05
CA ALA B 196 -9.76 25.32 4.39
C ALA B 196 -8.66 26.37 4.49
N GLY B 197 -8.41 27.13 3.42
CA GLY B 197 -7.40 28.17 3.45
C GLY B 197 -5.98 27.72 3.17
N LEU B 198 -5.78 26.46 2.75
CA LEU B 198 -4.43 26.00 2.45
C LEU B 198 -3.96 26.57 1.12
N THR B 199 -2.68 26.91 1.04
CA THR B 199 -2.12 27.38 -0.23
C THR B 199 -2.04 26.22 -1.22
N LEU B 200 -1.78 26.58 -2.48
CA LEU B 200 -1.62 25.56 -3.52
C LEU B 200 -0.57 24.54 -3.13
N GLN B 201 0.59 25.01 -2.67
CA GLN B 201 1.65 24.10 -2.25
C GLN B 201 1.19 23.21 -1.10
N GLN B 202 0.47 23.79 -0.13
CA GLN B 202 -0.02 23.01 1.00
C GLN B 202 -1.10 22.02 0.60
N GLN B 203 -1.89 22.34 -0.43
CA GLN B 203 -2.94 21.41 -0.87
C GLN B 203 -2.33 20.14 -1.43
N HIS B 204 -1.41 20.26 -2.39
N HIS B 204 -1.42 20.28 -2.40
CA HIS B 204 -0.84 19.03 -2.94
CA HIS B 204 -0.75 19.11 -2.98
C HIS B 204 0.09 18.33 -1.96
C HIS B 204 -0.01 18.33 -1.91
N GLN B 205 0.62 19.04 -0.97
CA GLN B 205 1.37 18.36 0.08
C GLN B 205 0.43 17.55 0.96
N ARG B 206 -0.70 18.15 1.37
CA ARG B 206 -1.65 17.39 2.19
C ARG B 206 -2.27 16.24 1.41
N LEU B 207 -2.65 16.49 0.15
CA LEU B 207 -3.11 15.41 -0.72
C LEU B 207 -2.13 14.25 -0.72
N ALA B 208 -0.84 14.53 -0.95
CA ALA B 208 0.16 13.48 -0.95
C ALA B 208 0.25 12.77 0.38
N GLN B 209 0.21 13.53 1.49
CA GLN B 209 0.32 12.91 2.81
C GLN B 209 -0.84 11.95 3.07
N LEU B 210 -2.04 12.31 2.63
CA LEU B 210 -3.21 11.48 2.86
C LEU B 210 -3.15 10.20 2.03
N LEU B 211 -2.74 10.29 0.77
CA LEU B 211 -2.74 9.11 -0.07
C LEU B 211 -1.64 8.12 0.30
N LEU B 212 -0.51 8.62 0.81
CA LEU B 212 0.53 7.72 1.29
C LEU B 212 0.09 6.90 2.51
N ILE B 213 -0.87 7.40 3.27
CA ILE B 213 -1.43 6.61 4.37
C ILE B 213 -2.06 5.33 3.83
N LEU B 214 -2.67 5.41 2.64
CA LEU B 214 -3.35 4.24 2.08
C LEU B 214 -2.38 3.10 1.82
N SER B 215 -1.11 3.42 1.52
CA SER B 215 -0.09 2.37 1.42
C SER B 215 0.07 1.63 2.73
N HIS B 216 0.06 2.37 3.84
N HIS B 216 0.06 2.37 3.84
CA HIS B 216 0.15 1.74 5.16
CA HIS B 216 0.16 1.74 5.15
C HIS B 216 -1.13 0.99 5.49
C HIS B 216 -1.13 1.00 5.51
N ILE B 217 -2.28 1.49 5.02
CA ILE B 217 -3.53 0.78 5.23
C ILE B 217 -3.55 -0.52 4.43
N ARG B 218 -2.97 -0.54 3.24
CA ARG B 218 -2.82 -1.81 2.51
C ARG B 218 -1.99 -2.80 3.32
N HIS B 219 -0.90 -2.31 3.93
CA HIS B 219 0.00 -3.19 4.68
C HIS B 219 -0.71 -3.87 5.83
N MET B 220 -1.38 -3.09 6.68
CA MET B 220 -2.08 -3.65 7.83
C MET B 220 -3.17 -4.62 7.40
N SER B 221 -3.86 -4.31 6.30
CA SER B 221 -4.88 -5.22 5.78
C SER B 221 -4.25 -6.52 5.30
N ASN B 222 -3.12 -6.45 4.59
CA ASN B 222 -2.40 -7.67 4.22
C ASN B 222 -2.02 -8.46 5.46
N LYS B 223 -1.45 -7.78 6.46
CA LYS B 223 -1.04 -8.48 7.67
C LYS B 223 -2.24 -9.00 8.44
N GLY B 224 -3.31 -8.20 8.53
CA GLY B 224 -4.52 -8.63 9.19
C GLY B 224 -5.20 -9.79 8.49
N MET B 225 -5.09 -9.85 7.16
CA MET B 225 -5.68 -10.99 6.44
C MET B 225 -4.93 -12.27 6.76
N GLU B 226 -3.60 -12.21 6.80
CA GLU B 226 -2.83 -13.40 7.17
C GLU B 226 -3.13 -13.81 8.61
N HIS B 227 -3.30 -12.85 9.51
CA HIS B 227 -3.58 -13.20 10.89
C HIS B 227 -4.95 -13.86 11.01
N LEU B 228 -5.95 -13.30 10.34
CA LEU B 228 -7.29 -13.88 10.34
C LEU B 228 -7.27 -15.29 9.74
N TYR B 229 -6.43 -15.51 8.74
CA TYR B 229 -6.30 -16.84 8.15
C TYR B 229 -5.65 -17.82 9.10
N SER B 230 -4.83 -17.34 10.03
CA SER B 230 -4.23 -18.21 11.03
C SER B 230 -5.22 -18.61 12.12
N MET B 231 -6.14 -17.71 12.50
CA MET B 231 -7.14 -18.07 13.49
C MET B 231 -8.15 -19.04 12.94
N LYS B 232 -8.45 -18.94 11.64
CA LYS B 232 -9.35 -19.88 11.00
C LYS B 232 -8.75 -21.28 10.96
N CYS B 233 -7.48 -21.39 10.54
CA CYS B 233 -6.84 -22.70 10.46
C CYS B 233 -6.65 -23.31 11.85
N LYS B 234 -6.42 -22.50 12.87
CA LYS B 234 -6.30 -23.00 14.23
C LYS B 234 -7.64 -23.35 14.86
N ASN B 235 -8.74 -23.10 14.16
CA ASN B 235 -10.10 -23.34 14.67
C ASN B 235 -10.36 -22.58 15.98
N VAL B 236 -9.73 -21.41 16.12
CA VAL B 236 -9.92 -20.63 17.34
C VAL B 236 -11.28 -19.96 17.35
N VAL B 237 -11.59 -19.22 16.30
CA VAL B 237 -12.77 -18.36 16.26
C VAL B 237 -13.74 -18.93 15.21
N PRO B 238 -15.03 -19.09 15.55
CA PRO B 238 -16.00 -19.50 14.53
C PRO B 238 -16.32 -18.37 13.56
N LEU B 239 -15.74 -18.39 12.37
CA LEU B 239 -15.95 -17.32 11.41
C LEU B 239 -17.27 -17.49 10.69
N SER B 240 -17.95 -16.38 10.43
CA SER B 240 -19.21 -16.42 9.72
C SER B 240 -19.00 -16.79 8.25
N ASP B 241 -20.10 -17.16 7.60
CA ASP B 241 -20.01 -17.62 6.21
C ASP B 241 -19.55 -16.49 5.29
N LEU B 242 -20.09 -15.28 5.47
CA LEU B 242 -19.65 -14.16 4.65
C LEU B 242 -18.18 -13.84 4.89
N LEU B 243 -17.77 -13.82 6.16
CA LEU B 243 -16.38 -13.49 6.47
C LEU B 243 -15.43 -14.53 5.89
N LEU B 244 -15.83 -15.81 5.90
CA LEU B 244 -15.02 -16.85 5.30
C LEU B 244 -14.87 -16.66 3.79
N GLU B 245 -15.96 -16.28 3.11
CA GLU B 245 -15.85 -16.04 1.67
C GLU B 245 -15.01 -14.81 1.37
N MET B 246 -15.16 -13.75 2.16
CA MET B 246 -14.31 -12.58 1.97
C MET B 246 -12.85 -12.92 2.22
N LEU B 247 -12.59 -13.88 3.10
CA LEU B 247 -11.22 -14.29 3.40
C LEU B 247 -10.64 -15.18 2.30
N ASP B 248 -11.45 -16.12 1.78
CA ASP B 248 -10.99 -16.98 0.70
C ASP B 248 -10.72 -16.21 -0.59
N ALA B 249 -11.28 -15.01 -0.73
CA ALA B 249 -11.04 -14.22 -1.94
C ALA B 249 -9.61 -13.74 -2.05
N HIS B 250 -8.84 -13.78 -0.96
CA HIS B 250 -7.42 -13.41 -0.97
C HIS B 250 -6.51 -14.62 -1.11
N ARG B 251 -7.05 -15.76 -1.54
CA ARG B 251 -6.24 -16.93 -1.83
C ARG B 251 -6.75 -17.65 -3.08
N LYS C 1 29.06 -8.29 10.74
CA LYS C 1 28.62 -9.12 11.85
C LYS C 1 27.12 -9.00 12.15
N HIS C 2 26.82 -8.29 13.25
CA HIS C 2 25.45 -8.06 13.71
C HIS C 2 24.45 -8.07 12.57
N LYS C 3 24.52 -7.06 11.72
CA LYS C 3 23.73 -7.01 10.50
C LYS C 3 24.62 -6.69 9.32
N ILE C 4 24.44 -7.45 8.22
CA ILE C 4 25.15 -7.11 6.99
C ILE C 4 24.74 -5.73 6.52
N LEU C 5 23.47 -5.38 6.70
CA LEU C 5 23.00 -4.05 6.35
C LEU C 5 23.73 -2.95 7.12
N HIS C 6 24.18 -3.25 8.34
CA HIS C 6 24.97 -2.26 9.08
C HIS C 6 26.28 -1.94 8.34
N ARG C 7 27.00 -2.98 7.92
CA ARG C 7 28.27 -2.76 7.23
C ARG C 7 28.07 -2.14 5.86
N LEU C 8 26.99 -2.50 5.16
CA LEU C 8 26.74 -1.92 3.85
C LEU C 8 26.48 -0.42 3.93
N LEU C 9 25.67 0.00 4.90
CA LEU C 9 25.36 1.42 5.06
C LEU C 9 26.57 2.20 5.52
N GLN C 10 27.37 1.62 6.42
CA GLN C 10 28.56 2.30 6.93
C GLN C 10 29.64 2.42 5.87
N ASP C 11 29.69 1.48 4.91
CA ASP C 11 30.68 1.48 3.86
C ASP C 11 30.13 1.97 2.53
N SER C 12 28.96 2.61 2.53
CA SER C 12 28.30 3.00 1.29
C SER C 12 29.15 3.99 0.51
N SER C 13 29.26 3.77 -0.79
CA SER C 13 30.11 4.59 -1.64
C SER C 13 29.31 5.48 -2.57
N HIS D 2 -24.29 -18.42 -6.37
CA HIS D 2 -23.68 -17.09 -6.29
C HIS D 2 -23.12 -16.84 -4.89
N LYS D 3 -22.06 -16.04 -4.82
CA LYS D 3 -21.47 -15.69 -3.54
C LYS D 3 -22.47 -14.96 -2.64
N ILE D 4 -22.22 -15.00 -1.34
CA ILE D 4 -23.02 -14.22 -0.40
C ILE D 4 -22.93 -12.74 -0.75
N LEU D 5 -21.71 -12.25 -0.93
CA LEU D 5 -21.51 -10.86 -1.35
C LEU D 5 -22.32 -10.54 -2.59
N HIS D 6 -22.30 -11.45 -3.57
CA HIS D 6 -23.06 -11.27 -4.80
C HIS D 6 -24.54 -11.06 -4.52
N ARG D 7 -25.14 -11.91 -3.68
CA ARG D 7 -26.56 -11.79 -3.38
C ARG D 7 -26.87 -10.50 -2.63
N LEU D 8 -26.00 -10.12 -1.68
CA LEU D 8 -26.24 -8.90 -0.91
C LEU D 8 -26.10 -7.67 -1.78
N LEU D 9 -25.15 -7.69 -2.72
CA LEU D 9 -25.03 -6.60 -3.68
C LEU D 9 -26.21 -6.58 -4.65
N GLN D 10 -26.82 -7.73 -4.89
CA GLN D 10 -27.89 -7.82 -5.87
C GLN D 10 -29.24 -7.38 -5.31
N ASP D 11 -29.40 -7.40 -3.99
CA ASP D 11 -30.65 -7.01 -3.35
C ASP D 11 -31.03 -5.57 -3.65
C01 7G0 E . 12.86 -7.57 -8.76
C02 7G0 E . 14.20 -7.55 -8.94
C03 7G0 E . 14.87 -8.69 -8.70
C04 7G0 E . 14.22 -9.79 -8.27
C05 7G0 E . 12.89 -9.80 -8.09
C06 7G0 E . 12.22 -8.66 -8.34
O01 7G0 E . 14.84 -6.43 -9.38
C07 7G0 E . 12.17 -11.06 -7.61
C08 7G0 E . 10.64 -10.91 -7.44
C09 7G0 E . 10.09 -12.29 -7.05
C10 7G0 E . 10.67 -12.85 -5.73
C11 7G0 E . 12.20 -12.97 -5.88
C12 7G0 E . 12.84 -11.65 -6.34
C13 7G0 E . 8.59 -12.48 -6.88
C14 7G0 E . 8.49 -13.83 -6.13
C15 7G0 E . 9.92 -14.19 -5.70
O02 7G0 E . 9.96 -14.82 -4.45
C16 7G0 E . 10.30 -12.05 -4.46
C01 7G0 F . -11.97 -3.38 12.34
C02 7G0 F . -13.30 -3.53 12.54
C03 7G0 F . -13.72 -4.71 13.02
C04 7G0 F . -12.87 -5.71 13.30
C05 7G0 F . -11.54 -5.56 13.09
C06 7G0 F . -11.10 -4.38 12.59
O01 7G0 F . -14.18 -2.52 12.28
C07 7G0 F . -10.59 -6.71 13.39
C08 7G0 F . -9.10 -6.34 13.21
C09 7G0 F . -8.28 -7.57 13.62
C10 7G0 F . -8.61 -8.81 12.75
C11 7G0 F . -10.09 -9.18 12.96
C12 7G0 F . -10.98 -7.97 12.59
C13 7G0 F . -6.75 -7.50 13.61
C14 7G0 F . -6.33 -8.99 13.58
C15 7G0 F . -7.62 -9.80 13.36
O02 7G0 F . -7.43 -10.89 12.51
C16 7G0 F . -8.30 -8.67 11.25
#